data_6YPE
#
_entry.id   6YPE
#
_cell.length_a   121.220
_cell.length_b   36.060
_cell.length_c   92.170
_cell.angle_alpha   90.000
_cell.angle_beta   97.470
_cell.angle_gamma   90.000
#
_symmetry.space_group_name_H-M   'C 1 2 1'
#
loop_
_entity.id
_entity.type
_entity.pdbx_description
1 polymer 'Neuronal pentraxin-1'
2 non-polymer 'CALCIUM ION'
3 non-polymer 'CACODYLATE ION'
4 water water
#
_entity_poly.entity_id   1
_entity_poly.type   'polypeptide(L)'
_entity_poly.pdbx_seq_one_letter_code
;GDKFQLTFPLRTNYMYAKVKKSLPEMYAFTVCMWLKSSATPGVGTPFSYAVPGQANELVLIEWGNNPMEILINDKVAKLP
FVINDGKWHHICVTWTTRDGVWEAYQDGTQGGSGENLAPYHPIKPQGVLVLGQEQDTLGGGFDATQAFVGELAHFNIWDR
KLTPGEVYNLATCSTKALSGNVIAWAESHIEIYGGATKWTFEACR
;
_entity_poly.pdbx_strand_id   A,B
#
loop_
_chem_comp.id
_chem_comp.type
_chem_comp.name
_chem_comp.formula
CA non-polymer 'CALCIUM ION' 'Ca 2'
CAC non-polymer 'CACODYLATE ION' 'C2 H6 As O2 -1'
#
# COMPACT_ATOMS: atom_id res chain seq x y z
N GLY A 1 -9.68 -21.69 29.58
CA GLY A 1 -8.36 -21.41 30.10
C GLY A 1 -7.60 -20.42 29.24
N ASP A 2 -7.64 -19.16 29.66
CA ASP A 2 -7.10 -18.04 28.89
C ASP A 2 -5.78 -17.53 29.42
N LYS A 3 -5.26 -18.09 30.50
CA LYS A 3 -4.06 -17.52 31.14
C LYS A 3 -2.78 -18.07 30.51
N PHE A 4 -2.62 -17.76 29.22
CA PHE A 4 -1.44 -18.23 28.50
C PHE A 4 -1.10 -17.27 27.39
N GLN A 5 0.14 -17.37 26.94
CA GLN A 5 0.67 -16.61 25.82
C GLN A 5 1.31 -17.58 24.85
N LEU A 6 1.48 -17.11 23.62
CA LEU A 6 2.24 -17.79 22.59
C LEU A 6 3.50 -17.00 22.30
N THR A 7 4.63 -17.68 22.22
CA THR A 7 5.90 -17.06 21.87
CA THR A 7 5.90 -17.06 21.87
C THR A 7 6.36 -17.56 20.51
N PHE A 8 6.80 -16.62 19.69
CA PHE A 8 7.30 -16.85 18.34
C PHE A 8 8.75 -16.35 18.41
N PRO A 9 9.71 -17.23 18.74
CA PRO A 9 11.04 -16.75 19.14
C PRO A 9 11.94 -16.32 18.01
N LEU A 10 11.67 -16.71 16.77
CA LEU A 10 12.56 -16.41 15.66
C LEU A 10 11.74 -16.07 14.43
N ARG A 11 12.38 -15.37 13.50
CA ARG A 11 11.80 -15.11 12.20
C ARG A 11 11.86 -16.36 11.34
N THR A 12 10.69 -16.88 10.95
CA THR A 12 10.59 -18.10 10.16
C THR A 12 9.37 -18.01 9.26
N ASN A 13 9.27 -18.94 8.32
CA ASN A 13 8.06 -19.09 7.53
C ASN A 13 7.27 -20.34 7.90
N TYR A 14 7.52 -20.91 9.09
CA TYR A 14 6.92 -22.17 9.48
C TYR A 14 6.33 -22.18 10.89
N MET A 15 6.54 -21.13 11.69
CA MET A 15 5.96 -21.05 13.02
C MET A 15 4.69 -20.22 12.96
N TYR A 16 3.60 -20.79 13.46
CA TYR A 16 2.32 -20.10 13.42
C TYR A 16 1.33 -20.83 14.30
N ALA A 17 0.22 -20.16 14.56
CA ALA A 17 -0.96 -20.79 15.14
C ALA A 17 -2.11 -20.61 14.17
N LYS A 18 -2.97 -21.61 14.12
N LYS A 18 -3.01 -21.59 14.15
CA LYS A 18 -4.22 -21.52 13.39
CA LYS A 18 -4.23 -21.53 13.35
C LYS A 18 -5.36 -21.50 14.40
C LYS A 18 -5.42 -21.58 14.28
N VAL A 19 -6.26 -20.54 14.24
CA VAL A 19 -7.46 -20.51 15.05
C VAL A 19 -8.44 -21.52 14.48
N LYS A 20 -9.04 -22.34 15.36
CA LYS A 20 -9.87 -23.43 14.86
C LYS A 20 -11.15 -22.90 14.23
N LYS A 21 -11.77 -21.91 14.86
N LYS A 21 -11.75 -21.87 14.84
CA LYS A 21 -12.95 -21.29 14.29
CA LYS A 21 -12.97 -21.24 14.36
C LYS A 21 -12.57 -20.42 13.10
C LYS A 21 -12.65 -20.23 13.26
N SER A 22 -13.57 -20.11 12.29
CA SER A 22 -13.46 -19.11 11.25
C SER A 22 -14.30 -17.90 11.66
N LEU A 23 -14.39 -16.93 10.77
CA LEU A 23 -15.17 -15.73 11.06
C LEU A 23 -16.48 -15.76 10.28
N PRO A 24 -17.53 -15.19 10.84
CA PRO A 24 -18.77 -14.99 10.08
C PRO A 24 -18.61 -13.74 9.22
N GLU A 25 -19.63 -13.44 8.43
CA GLU A 25 -19.66 -12.18 7.71
C GLU A 25 -19.88 -11.06 8.72
N MET A 26 -18.96 -10.11 8.81
CA MET A 26 -19.02 -9.08 9.84
C MET A 26 -19.15 -7.69 9.23
N TYR A 27 -20.25 -7.00 9.55
CA TYR A 27 -20.42 -5.61 9.17
C TYR A 27 -19.64 -4.65 10.06
N ALA A 28 -19.27 -5.08 11.26
CA ALA A 28 -18.39 -4.34 12.15
C ALA A 28 -17.67 -5.37 13.00
N PHE A 29 -16.52 -4.97 13.54
CA PHE A 29 -15.78 -5.88 14.40
C PHE A 29 -14.82 -5.10 15.27
N THR A 30 -14.34 -5.79 16.31
CA THR A 30 -13.23 -5.33 17.13
C THR A 30 -12.26 -6.50 17.23
N VAL A 31 -10.98 -6.23 17.07
CA VAL A 31 -9.92 -7.21 17.32
C VAL A 31 -8.99 -6.61 18.37
N CYS A 32 -8.68 -7.39 19.40
CA CYS A 32 -7.75 -6.94 20.44
C CYS A 32 -6.77 -8.04 20.78
N MET A 33 -5.63 -7.65 21.32
CA MET A 33 -4.66 -8.61 21.84
C MET A 33 -3.65 -7.89 22.74
N TRP A 34 -3.01 -8.67 23.59
CA TRP A 34 -1.79 -8.26 24.27
C TRP A 34 -0.61 -8.74 23.43
N LEU A 35 0.40 -7.90 23.27
CA LEU A 35 1.58 -8.33 22.52
C LEU A 35 2.83 -7.66 23.08
N LYS A 36 3.97 -8.32 22.84
CA LYS A 36 5.26 -7.85 23.30
C LYS A 36 6.28 -8.22 22.23
N SER A 37 7.16 -7.29 21.88
CA SER A 37 8.14 -7.58 20.85
C SER A 37 9.29 -6.59 20.95
N SER A 38 10.51 -7.08 20.74
CA SER A 38 11.67 -6.23 20.60
C SER A 38 12.14 -6.17 19.17
N ALA A 39 11.39 -6.76 18.24
CA ALA A 39 11.83 -6.85 16.85
C ALA A 39 11.81 -5.47 16.21
N THR A 40 12.83 -5.21 15.38
CA THR A 40 12.93 -3.94 14.70
C THR A 40 13.56 -4.23 13.35
N PRO A 41 13.22 -3.45 12.31
CA PRO A 41 12.36 -2.26 12.27
C PRO A 41 10.87 -2.49 12.49
N GLY A 42 10.37 -3.69 12.21
CA GLY A 42 8.95 -3.98 12.32
C GLY A 42 8.70 -5.30 13.04
N VAL A 43 7.57 -5.37 13.73
CA VAL A 43 7.27 -6.58 14.50
C VAL A 43 6.76 -7.72 13.65
N GLY A 44 6.34 -7.45 12.42
CA GLY A 44 5.77 -8.48 11.57
C GLY A 44 4.26 -8.52 11.66
N THR A 45 3.69 -9.72 11.57
CA THR A 45 2.26 -9.92 11.38
C THR A 45 1.63 -10.68 12.55
N PRO A 46 1.06 -9.97 13.54
CA PRO A 46 0.42 -10.70 14.63
C PRO A 46 -0.70 -11.61 14.18
N PHE A 47 -1.49 -11.22 13.17
CA PHE A 47 -2.52 -12.11 12.66
C PHE A 47 -2.87 -11.74 11.23
N SER A 48 -3.36 -12.73 10.51
CA SER A 48 -3.92 -12.50 9.18
C SER A 48 -5.10 -13.44 8.95
N TYR A 49 -5.96 -13.03 8.03
CA TYR A 49 -7.20 -13.74 7.72
C TYR A 49 -7.39 -13.71 6.22
N ALA A 50 -7.43 -14.89 5.61
CA ALA A 50 -7.55 -15.09 4.17
C ALA A 50 -8.87 -15.78 3.83
N VAL A 51 -9.49 -15.36 2.74
CA VAL A 51 -10.68 -16.03 2.20
C VAL A 51 -10.36 -16.42 0.76
N PRO A 52 -11.11 -17.35 0.19
CA PRO A 52 -10.95 -17.61 -1.24
C PRO A 52 -11.05 -16.31 -2.04
N GLY A 53 -10.04 -16.06 -2.87
CA GLY A 53 -10.02 -14.88 -3.70
C GLY A 53 -9.41 -13.65 -3.06
N GLN A 54 -9.09 -13.67 -1.77
CA GLN A 54 -8.45 -12.52 -1.12
C GLN A 54 -7.70 -13.01 0.12
N ALA A 55 -6.41 -13.24 -0.03
CA ALA A 55 -5.61 -13.67 1.10
C ALA A 55 -5.35 -12.57 2.11
N ASN A 56 -5.59 -11.31 1.75
CA ASN A 56 -5.40 -10.18 2.65
C ASN A 56 -6.74 -9.61 3.08
N GLU A 57 -7.67 -10.47 3.51
CA GLU A 57 -9.01 -10.01 3.84
C GLU A 57 -9.00 -9.20 5.14
N LEU A 58 -8.25 -9.64 6.15
CA LEU A 58 -8.02 -8.86 7.36
C LEU A 58 -6.62 -9.18 7.87
N VAL A 59 -5.77 -8.16 7.96
CA VAL A 59 -4.36 -8.33 8.29
C VAL A 59 -3.90 -7.19 9.20
N LEU A 60 -3.07 -7.51 10.19
CA LEU A 60 -2.37 -6.53 11.00
C LEU A 60 -0.88 -6.79 10.79
N ILE A 61 -0.14 -5.79 10.32
CA ILE A 61 1.22 -6.02 9.85
C ILE A 61 2.07 -4.76 9.99
N GLU A 62 3.28 -4.93 10.50
CA GLU A 62 4.32 -3.91 10.48
C GLU A 62 5.53 -4.55 9.80
N TRP A 63 5.71 -4.24 8.52
CA TRP A 63 6.63 -5.00 7.67
C TRP A 63 7.86 -4.17 7.38
N GLY A 64 8.99 -4.55 7.98
CA GLY A 64 10.24 -3.89 7.67
C GLY A 64 10.19 -2.42 8.08
N ASN A 65 10.76 -1.56 7.24
N ASN A 65 10.76 -1.57 7.23
CA ASN A 65 10.79 -0.13 7.50
CA ASN A 65 10.78 -0.12 7.46
C ASN A 65 9.54 0.57 6.97
C ASN A 65 9.53 0.51 6.87
N ASN A 66 8.38 0.02 7.32
CA ASN A 66 7.09 0.57 6.96
C ASN A 66 6.26 0.66 8.23
N PRO A 67 5.29 1.57 8.29
CA PRO A 67 4.51 1.72 9.51
C PRO A 67 3.51 0.58 9.69
N MET A 68 3.04 0.43 10.93
N MET A 68 3.11 0.38 10.94
CA MET A 68 2.08 -0.61 11.23
CA MET A 68 2.06 -0.58 11.25
C MET A 68 0.72 -0.29 10.62
C MET A 68 0.82 -0.23 10.44
N GLU A 69 0.17 -1.25 9.89
CA GLU A 69 -1.03 -1.06 9.10
C GLU A 69 -2.06 -2.14 9.42
N ILE A 70 -3.33 -1.80 9.27
CA ILE A 70 -4.40 -2.79 9.16
C ILE A 70 -4.80 -2.83 7.70
N LEU A 71 -5.01 -4.03 7.18
CA LEU A 71 -5.54 -4.23 5.83
C LEU A 71 -6.90 -4.88 5.95
N ILE A 72 -7.87 -4.36 5.21
CA ILE A 72 -9.17 -4.98 5.04
C ILE A 72 -9.42 -5.08 3.54
N ASN A 73 -9.67 -6.30 3.06
CA ASN A 73 -9.82 -6.52 1.62
C ASN A 73 -8.67 -5.87 0.86
N ASP A 74 -7.45 -6.04 1.38
CA ASP A 74 -6.23 -5.54 0.77
C ASP A 74 -6.21 -4.02 0.63
N LYS A 75 -6.91 -3.32 1.51
CA LYS A 75 -6.88 -1.86 1.58
C LYS A 75 -6.32 -1.44 2.92
N VAL A 76 -5.48 -0.40 2.93
N VAL A 76 -5.45 -0.42 2.93
CA VAL A 76 -4.60 -0.06 4.06
CA VAL A 76 -4.61 -0.08 4.08
C VAL A 76 -5.16 1.10 4.88
C VAL A 76 -5.18 1.07 4.88
N ALA A 77 -4.94 1.03 6.18
CA ALA A 77 -4.97 2.21 7.04
C ALA A 77 -3.76 2.14 7.94
N LYS A 78 -3.03 3.26 8.04
CA LYS A 78 -1.87 3.31 8.90
C LYS A 78 -2.31 3.56 10.34
N LEU A 79 -1.73 2.83 11.25
CA LEU A 79 -2.12 2.85 12.65
C LEU A 79 -1.10 3.62 13.49
N PRO A 80 -1.53 4.16 14.63
CA PRO A 80 -0.65 4.98 15.47
C PRO A 80 0.24 4.19 16.44
N PHE A 81 0.10 2.88 16.47
CA PHE A 81 0.72 2.07 17.51
C PHE A 81 2.24 2.16 17.47
N VAL A 82 2.85 2.21 18.64
CA VAL A 82 4.28 2.07 18.81
C VAL A 82 4.42 1.06 19.94
N ILE A 83 4.70 -0.19 19.61
CA ILE A 83 4.56 -1.27 20.60
C ILE A 83 5.76 -2.21 20.65
N ASN A 84 6.84 -1.87 19.95
CA ASN A 84 8.00 -2.76 19.90
C ASN A 84 9.15 -2.30 20.79
N ASP A 85 8.84 -2.05 22.06
CA ASP A 85 9.82 -1.63 23.05
C ASP A 85 10.15 -2.74 24.05
N GLY A 86 9.75 -3.97 23.78
CA GLY A 86 10.03 -5.08 24.67
C GLY A 86 9.17 -5.13 25.91
N LYS A 87 8.12 -4.31 25.98
CA LYS A 87 7.17 -4.34 27.08
C LYS A 87 5.81 -4.76 26.56
N TRP A 88 4.98 -5.29 27.44
CA TRP A 88 3.63 -5.67 27.06
C TRP A 88 2.79 -4.45 26.72
N HIS A 89 2.02 -4.57 25.65
CA HIS A 89 1.04 -3.57 25.25
C HIS A 89 -0.24 -4.26 24.86
N HIS A 90 -1.34 -3.56 25.09
CA HIS A 90 -2.64 -4.00 24.64
C HIS A 90 -3.07 -3.15 23.47
N ILE A 91 -3.59 -3.79 22.42
CA ILE A 91 -4.08 -3.05 21.27
C ILE A 91 -5.46 -3.54 20.89
N CYS A 92 -6.28 -2.62 20.39
CA CYS A 92 -7.57 -2.93 19.76
C CYS A 92 -7.74 -2.06 18.53
N VAL A 93 -8.40 -2.62 17.52
CA VAL A 93 -8.91 -1.86 16.40
C VAL A 93 -10.40 -2.17 16.28
N THR A 94 -11.23 -1.12 16.21
CA THR A 94 -12.66 -1.26 15.93
C THR A 94 -12.91 -0.72 14.52
N TRP A 95 -13.82 -1.34 13.78
CA TRP A 95 -14.09 -0.91 12.42
C TRP A 95 -15.53 -1.22 12.06
N THR A 96 -16.09 -0.42 11.15
CA THR A 96 -17.40 -0.68 10.61
C THR A 96 -17.43 -0.42 9.11
N THR A 97 -18.20 -1.26 8.41
CA THR A 97 -18.51 -1.06 6.99
C THR A 97 -19.08 0.32 6.71
N ARG A 98 -19.79 0.90 7.68
CA ARG A 98 -20.45 2.19 7.50
C ARG A 98 -19.39 3.26 7.36
N ASP A 99 -19.16 3.68 6.13
CA ASP A 99 -18.13 4.66 5.76
C ASP A 99 -16.72 4.20 6.10
N GLY A 100 -16.55 2.91 6.38
CA GLY A 100 -15.20 2.38 6.66
C GLY A 100 -14.50 3.08 7.81
N VAL A 101 -15.22 3.35 8.90
CA VAL A 101 -14.69 4.15 10.01
C VAL A 101 -14.04 3.20 11.02
N TRP A 102 -12.82 3.55 11.43
CA TRP A 102 -12.07 2.75 12.39
C TRP A 102 -11.51 3.62 13.51
N GLU A 103 -11.27 2.97 14.64
CA GLU A 103 -10.62 3.56 15.80
C GLU A 103 -9.53 2.62 16.28
N ALA A 104 -8.45 3.19 16.80
CA ALA A 104 -7.32 2.40 17.28
C ALA A 104 -7.03 2.74 18.73
N TYR A 105 -6.83 1.72 19.55
CA TYR A 105 -6.59 1.87 20.97
C TYR A 105 -5.28 1.19 21.33
N GLN A 106 -4.43 1.90 22.06
CA GLN A 106 -3.21 1.31 22.58
C GLN A 106 -3.24 1.47 24.10
N ASP A 107 -3.04 0.37 24.81
CA ASP A 107 -2.98 0.37 26.26
C ASP A 107 -4.21 1.04 26.88
N GLY A 108 -5.37 0.78 26.30
CA GLY A 108 -6.63 1.24 26.82
C GLY A 108 -6.99 2.66 26.45
N THR A 109 -6.23 3.29 25.56
CA THR A 109 -6.43 4.69 25.21
C THR A 109 -6.65 4.81 23.71
N GLN A 110 -7.77 5.40 23.30
CA GLN A 110 -7.98 5.62 21.88
C GLN A 110 -6.99 6.67 21.40
N GLY A 111 -6.22 6.34 20.36
CA GLY A 111 -5.13 7.18 19.92
C GLY A 111 -5.05 7.39 18.43
N GLY A 112 -6.04 6.90 17.70
CA GLY A 112 -6.14 7.18 16.28
C GLY A 112 -7.49 6.80 15.76
N SER A 113 -7.87 7.42 14.65
N SER A 113 -7.87 7.41 14.64
CA SER A 113 -9.12 7.09 13.98
CA SER A 113 -9.14 7.10 14.00
C SER A 113 -8.97 7.44 12.51
C SER A 113 -9.12 7.60 12.57
N GLY A 114 -9.91 6.95 11.71
CA GLY A 114 -9.94 7.33 10.31
C GLY A 114 -11.20 6.79 9.67
N GLU A 115 -11.35 7.08 8.38
CA GLU A 115 -12.53 6.67 7.64
C GLU A 115 -12.09 6.21 6.25
N ASN A 116 -13.06 5.72 5.49
CA ASN A 116 -12.83 5.28 4.11
C ASN A 116 -11.87 4.09 4.04
N LEU A 117 -11.87 3.24 5.06
CA LEU A 117 -11.13 1.96 5.01
C LEU A 117 -12.09 0.86 4.58
N ALA A 118 -11.92 0.38 3.36
CA ALA A 118 -12.74 -0.71 2.80
C ALA A 118 -14.21 -0.47 3.08
N PRO A 119 -14.74 0.72 2.79
CA PRO A 119 -16.15 0.98 3.13
C PRO A 119 -17.08 0.08 2.35
N TYR A 120 -18.24 -0.19 2.95
CA TYR A 120 -19.32 -0.91 2.30
C TYR A 120 -19.01 -2.38 2.04
N HIS A 121 -17.91 -2.89 2.57
CA HIS A 121 -17.47 -4.27 2.35
C HIS A 121 -17.50 -5.00 3.68
N PRO A 122 -18.53 -5.81 3.97
CA PRO A 122 -18.44 -6.65 5.18
C PRO A 122 -17.28 -7.61 5.07
N ILE A 123 -16.67 -7.92 6.23
CA ILE A 123 -15.61 -8.93 6.26
C ILE A 123 -16.19 -10.24 5.76
N LYS A 124 -15.49 -10.86 4.81
CA LYS A 124 -16.04 -12.07 4.20
C LYS A 124 -15.86 -13.26 5.13
N PRO A 125 -16.81 -14.20 5.14
CA PRO A 125 -16.79 -15.30 6.09
C PRO A 125 -15.97 -16.50 5.60
N GLN A 126 -15.76 -17.43 6.53
CA GLN A 126 -15.34 -18.80 6.26
C GLN A 126 -13.88 -18.93 5.87
N GLY A 127 -13.06 -17.91 6.11
CA GLY A 127 -11.64 -17.96 5.79
C GLY A 127 -10.82 -18.60 6.88
N VAL A 128 -9.50 -18.51 6.72
CA VAL A 128 -8.53 -19.09 7.65
C VAL A 128 -7.84 -17.96 8.40
N LEU A 129 -7.86 -18.07 9.72
CA LEU A 129 -7.29 -17.09 10.64
C LEU A 129 -6.00 -17.67 11.21
N VAL A 130 -4.89 -16.99 10.96
CA VAL A 130 -3.56 -17.42 11.36
C VAL A 130 -2.97 -16.37 12.29
N LEU A 131 -2.27 -16.82 13.33
CA LEU A 131 -1.50 -15.95 14.20
C LEU A 131 -0.02 -16.12 13.90
N GLY A 132 0.67 -14.99 13.70
CA GLY A 132 2.12 -14.96 13.58
C GLY A 132 2.66 -14.93 12.18
N GLN A 133 1.81 -15.05 11.16
CA GLN A 133 2.26 -15.04 9.78
C GLN A 133 1.24 -14.33 8.91
N GLU A 134 1.73 -13.81 7.79
CA GLU A 134 0.95 -13.18 6.74
C GLU A 134 0.69 -14.21 5.64
N GLN A 135 -0.55 -14.26 5.14
CA GLN A 135 -0.95 -15.27 4.17
C GLN A 135 -0.93 -14.73 2.74
N ASP A 136 -0.37 -15.54 1.83
CA ASP A 136 -0.47 -15.27 0.40
C ASP A 136 -1.31 -16.33 -0.31
N THR A 137 -1.67 -17.41 0.39
CA THR A 137 -2.63 -18.38 -0.09
C THR A 137 -3.58 -18.68 1.07
N LEU A 138 -4.63 -19.43 0.78
CA LEU A 138 -5.63 -19.74 1.81
C LEU A 138 -4.99 -20.67 2.83
N GLY A 139 -4.65 -20.10 3.99
CA GLY A 139 -4.03 -20.86 5.06
C GLY A 139 -2.55 -21.08 4.90
N GLY A 140 -1.87 -20.32 4.05
CA GLY A 140 -0.45 -20.54 3.84
C GLY A 140 0.23 -19.45 3.04
N GLY A 141 1.31 -19.83 2.35
CA GLY A 141 2.07 -18.86 1.59
C GLY A 141 2.76 -17.84 2.48
N PHE A 142 3.43 -18.31 3.53
CA PHE A 142 4.06 -17.46 4.53
C PHE A 142 5.42 -16.92 4.05
N ASP A 143 5.80 -15.79 4.63
CA ASP A 143 7.00 -15.04 4.28
C ASP A 143 7.70 -14.67 5.57
N ALA A 144 8.90 -15.24 5.80
CA ALA A 144 9.60 -15.01 7.05
C ALA A 144 9.85 -13.54 7.32
N THR A 145 10.03 -12.72 6.27
CA THR A 145 10.29 -11.30 6.53
C THR A 145 9.08 -10.59 7.10
N GLN A 146 7.89 -11.18 6.99
CA GLN A 146 6.65 -10.64 7.51
C GLN A 146 6.21 -11.30 8.80
N ALA A 147 6.95 -12.31 9.25
CA ALA A 147 6.54 -13.10 10.40
C ALA A 147 6.63 -12.29 11.69
N PHE A 148 5.70 -12.54 12.59
CA PHE A 148 5.74 -11.94 13.91
C PHE A 148 6.83 -12.59 14.75
N VAL A 149 7.63 -11.75 15.41
CA VAL A 149 8.60 -12.22 16.39
C VAL A 149 8.28 -11.54 17.72
N GLY A 150 7.91 -12.33 18.69
CA GLY A 150 7.55 -11.82 20.00
C GLY A 150 6.49 -12.71 20.65
N GLU A 151 5.71 -12.12 21.54
CA GLU A 151 4.75 -12.83 22.37
C GLU A 151 3.35 -12.25 22.14
N LEU A 152 2.35 -13.12 22.17
CA LEU A 152 0.96 -12.74 21.92
C LEU A 152 0.06 -13.45 22.93
N ALA A 153 -0.94 -12.73 23.43
CA ALA A 153 -1.89 -13.31 24.37
C ALA A 153 -3.24 -12.62 24.23
N HIS A 154 -4.29 -13.30 24.67
CA HIS A 154 -5.63 -12.71 24.76
C HIS A 154 -6.06 -12.10 23.43
N PHE A 155 -5.87 -12.85 22.36
CA PHE A 155 -6.40 -12.49 21.06
C PHE A 155 -7.91 -12.75 21.05
N ASN A 156 -8.71 -11.72 20.79
CA ASN A 156 -10.16 -11.77 20.80
C ASN A 156 -10.72 -10.99 19.63
N ILE A 157 -11.80 -11.52 19.04
CA ILE A 157 -12.57 -10.80 18.03
C ILE A 157 -14.05 -10.80 18.42
N TRP A 158 -14.69 -9.63 18.29
CA TRP A 158 -16.12 -9.46 18.43
C TRP A 158 -16.67 -8.96 17.10
N ASP A 159 -17.93 -9.30 16.79
CA ASP A 159 -18.58 -8.77 15.59
C ASP A 159 -19.35 -7.50 15.86
N ARG A 160 -18.79 -6.62 16.68
CA ARG A 160 -19.35 -5.30 16.91
C ARG A 160 -18.21 -4.41 17.32
N LYS A 161 -18.49 -3.11 17.41
CA LYS A 161 -17.54 -2.19 18.02
C LYS A 161 -17.68 -2.25 19.54
N LEU A 162 -16.56 -2.47 20.22
CA LEU A 162 -16.52 -2.27 21.66
C LEU A 162 -16.55 -0.77 21.98
N THR A 163 -17.05 -0.44 23.16
CA THR A 163 -17.03 0.93 23.62
C THR A 163 -15.65 1.26 24.21
N PRO A 164 -15.33 2.54 24.34
CA PRO A 164 -14.07 2.90 25.00
C PRO A 164 -13.95 2.32 26.40
N GLY A 165 -15.06 2.26 27.14
CA GLY A 165 -15.00 1.68 28.48
C GLY A 165 -14.73 0.19 28.47
N GLU A 166 -15.28 -0.53 27.48
CA GLU A 166 -14.99 -1.96 27.35
C GLU A 166 -13.52 -2.17 27.00
N VAL A 167 -12.97 -1.33 26.13
CA VAL A 167 -11.54 -1.44 25.82
C VAL A 167 -10.71 -1.15 27.07
N TYR A 168 -11.08 -0.10 27.81
CA TYR A 168 -10.38 0.21 29.05
C TYR A 168 -10.35 -0.99 29.99
N ASN A 169 -11.47 -1.71 30.09
CA ASN A 169 -11.54 -2.86 30.98
C ASN A 169 -10.62 -3.98 30.53
N LEU A 170 -10.50 -4.19 29.22
CA LEU A 170 -9.54 -5.17 28.71
C LEU A 170 -8.11 -4.77 29.08
N ALA A 171 -7.75 -3.52 28.81
CA ALA A 171 -6.37 -3.05 28.95
C ALA A 171 -5.92 -2.98 30.40
N THR A 172 -6.87 -2.91 31.34
CA THR A 172 -6.56 -2.88 32.76
C THR A 172 -6.87 -4.20 33.46
N CYS A 173 -7.22 -5.24 32.71
CA CYS A 173 -7.51 -6.56 33.27
C CYS A 173 -8.60 -6.52 34.33
N SER A 174 -9.62 -5.71 34.08
CA SER A 174 -10.76 -5.63 34.97
C SER A 174 -11.49 -6.97 35.01
N THR A 175 -12.12 -7.25 36.16
CA THR A 175 -13.01 -8.40 36.23
C THR A 175 -14.21 -8.25 35.31
N LYS A 176 -14.48 -7.03 34.83
CA LYS A 176 -15.58 -6.80 33.91
C LYS A 176 -15.19 -7.06 32.46
N ALA A 177 -13.91 -7.35 32.19
CA ALA A 177 -13.45 -7.47 30.82
C ALA A 177 -14.16 -8.60 30.09
N LEU A 178 -14.48 -8.36 28.82
CA LEU A 178 -15.19 -9.34 28.01
C LEU A 178 -14.22 -10.24 27.28
N SER A 179 -14.72 -11.41 26.88
N SER A 179 -14.72 -11.39 26.86
CA SER A 179 -14.05 -12.23 25.89
CA SER A 179 -14.05 -12.24 25.89
C SER A 179 -14.76 -12.06 24.55
C SER A 179 -14.78 -12.17 24.56
N GLY A 180 -14.04 -12.35 23.47
CA GLY A 180 -14.63 -12.21 22.15
C GLY A 180 -15.79 -13.16 21.95
N ASN A 181 -16.86 -12.64 21.33
CA ASN A 181 -17.99 -13.50 21.01
C ASN A 181 -17.80 -14.25 19.70
N VAL A 182 -16.81 -13.87 18.89
CA VAL A 182 -16.48 -14.59 17.66
C VAL A 182 -15.24 -15.44 17.88
N ILE A 183 -14.12 -14.81 18.24
CA ILE A 183 -12.91 -15.53 18.62
C ILE A 183 -12.58 -15.18 20.06
N ALA A 184 -12.39 -16.19 20.89
CA ALA A 184 -12.01 -16.01 22.29
C ALA A 184 -10.71 -16.77 22.56
N TRP A 185 -9.90 -16.23 23.45
CA TRP A 185 -8.59 -16.80 23.74
C TRP A 185 -8.73 -17.98 24.69
N ALA A 186 -8.42 -19.16 24.18
CA ALA A 186 -8.40 -20.37 24.99
C ALA A 186 -7.49 -21.36 24.29
N GLU A 187 -6.79 -22.19 25.09
CA GLU A 187 -5.85 -23.12 24.52
C GLU A 187 -6.53 -24.07 23.54
N SER A 188 -7.75 -24.51 23.85
CA SER A 188 -8.44 -25.44 22.97
C SER A 188 -9.01 -24.78 21.73
N HIS A 189 -8.90 -23.46 21.60
CA HIS A 189 -9.42 -22.75 20.44
C HIS A 189 -8.37 -22.56 19.34
N ILE A 190 -7.15 -23.04 19.53
CA ILE A 190 -6.08 -22.82 18.57
C ILE A 190 -5.27 -24.10 18.39
N GLU A 191 -4.57 -24.16 17.27
CA GLU A 191 -3.58 -25.19 16.96
C GLU A 191 -2.25 -24.51 16.73
N ILE A 192 -1.18 -25.08 17.27
CA ILE A 192 0.14 -24.44 17.18
C ILE A 192 1.09 -25.31 16.36
N TYR A 193 2.00 -24.64 15.65
CA TYR A 193 2.80 -25.28 14.62
C TYR A 193 4.23 -24.73 14.61
N GLY A 194 5.17 -25.62 14.33
CA GLY A 194 6.47 -25.22 13.81
C GLY A 194 7.48 -24.77 14.83
N GLY A 195 7.14 -24.67 16.11
CA GLY A 195 8.06 -24.13 17.08
C GLY A 195 7.49 -23.04 17.95
N ALA A 196 6.33 -22.50 17.59
CA ALA A 196 5.65 -21.59 18.50
C ALA A 196 5.33 -22.33 19.79
N THR A 197 5.51 -21.67 20.92
CA THR A 197 5.38 -22.33 22.21
CA THR A 197 5.42 -22.30 22.23
C THR A 197 4.41 -21.57 23.12
N LYS A 198 3.77 -22.32 24.00
CA LYS A 198 2.80 -21.80 24.97
C LYS A 198 3.43 -21.68 26.34
N TRP A 199 3.19 -20.55 27.00
CA TRP A 199 3.66 -20.31 28.36
C TRP A 199 2.54 -19.67 29.17
N THR A 200 2.61 -19.82 30.49
CA THR A 200 1.64 -19.14 31.33
C THR A 200 1.75 -17.65 31.14
N PHE A 201 0.63 -16.96 31.30
CA PHE A 201 0.57 -15.52 31.16
C PHE A 201 -0.42 -15.01 32.20
N GLU A 202 0.04 -14.07 33.03
CA GLU A 202 -0.83 -13.38 33.98
C GLU A 202 -0.92 -11.92 33.54
N ALA A 203 -2.03 -11.56 32.92
CA ALA A 203 -2.18 -10.23 32.36
C ALA A 203 -2.19 -9.19 33.48
N CYS A 204 -1.61 -8.02 33.19
CA CYS A 204 -1.50 -6.90 34.12
C CYS A 204 -0.72 -7.25 35.40
N ARG A 205 0.09 -8.30 35.36
CA ARG A 205 0.87 -8.71 36.52
C ARG A 205 2.34 -8.78 36.16
N GLY B 1 -2.56 10.74 -34.29
CA GLY B 1 -2.71 12.02 -33.62
C GLY B 1 -1.80 12.13 -32.41
N ASP B 2 -0.53 11.76 -32.60
CA ASP B 2 0.43 11.69 -31.53
C ASP B 2 1.47 12.81 -31.58
N LYS B 3 1.48 13.63 -32.62
CA LYS B 3 2.53 14.65 -32.76
C LYS B 3 2.14 15.94 -32.07
N PHE B 4 1.94 15.84 -30.75
CA PHE B 4 1.53 16.99 -29.97
C PHE B 4 2.12 16.89 -28.57
N GLN B 5 2.17 18.04 -27.91
CA GLN B 5 2.59 18.13 -26.53
C GLN B 5 1.53 18.91 -25.77
N LEU B 6 1.56 18.72 -24.44
CA LEU B 6 0.74 19.46 -23.50
C LEU B 6 1.65 20.37 -22.68
N THR B 7 1.23 21.61 -22.49
CA THR B 7 1.98 22.58 -21.70
C THR B 7 1.19 22.93 -20.45
N PHE B 8 1.89 22.88 -19.32
CA PHE B 8 1.35 23.27 -18.01
C PHE B 8 2.20 24.45 -17.57
N PRO B 9 1.77 25.71 -17.81
CA PRO B 9 2.68 26.84 -17.68
C PRO B 9 2.91 27.35 -16.27
N LEU B 10 1.98 27.09 -15.33
CA LEU B 10 2.06 27.63 -13.98
C LEU B 10 1.46 26.62 -13.02
N ARG B 11 1.89 26.70 -11.75
CA ARG B 11 1.37 25.81 -10.73
C ARG B 11 -0.04 26.22 -10.34
N THR B 12 -0.95 25.26 -10.36
CA THR B 12 -2.33 25.44 -9.92
C THR B 12 -2.78 24.15 -9.26
N ASN B 13 -3.97 24.18 -8.66
CA ASN B 13 -4.60 22.98 -8.14
C ASN B 13 -5.77 22.52 -9.02
N TYR B 14 -5.80 22.94 -10.28
CA TYR B 14 -6.94 22.63 -11.14
C TYR B 14 -6.59 22.31 -12.59
N MET B 15 -5.37 22.54 -13.05
CA MET B 15 -5.01 22.26 -14.43
CA MET B 15 -4.98 22.26 -14.43
C MET B 15 -4.48 20.83 -14.53
N TYR B 16 -5.13 20.02 -15.37
CA TYR B 16 -4.71 18.63 -15.52
C TYR B 16 -5.32 18.03 -16.79
N ALA B 17 -4.78 16.90 -17.21
CA ALA B 17 -5.42 16.08 -18.23
C ALA B 17 -5.83 14.77 -17.59
N LYS B 18 -7.05 14.33 -17.85
CA LYS B 18 -7.50 13.02 -17.43
C LYS B 18 -7.30 12.08 -18.61
N VAL B 19 -6.61 10.98 -18.38
CA VAL B 19 -6.50 9.95 -19.40
C VAL B 19 -7.82 9.18 -19.39
N LYS B 20 -8.40 9.01 -20.58
CA LYS B 20 -9.75 8.47 -20.64
C LYS B 20 -9.78 7.01 -20.22
N LYS B 21 -8.83 6.22 -20.69
N LYS B 21 -8.81 6.22 -20.67
CA LYS B 21 -8.70 4.85 -20.26
CA LYS B 21 -8.75 4.81 -20.31
C LYS B 21 -8.17 4.79 -18.83
C LYS B 21 -7.98 4.62 -19.01
N SER B 22 -8.47 3.69 -18.19
CA SER B 22 -7.83 3.34 -16.93
C SER B 22 -6.82 2.23 -17.18
N LEU B 23 -6.24 1.74 -16.13
CA LEU B 23 -5.23 0.70 -16.20
C LEU B 23 -5.82 -0.65 -15.80
N PRO B 24 -5.31 -1.72 -16.41
CA PRO B 24 -5.65 -3.07 -15.94
C PRO B 24 -4.76 -3.41 -14.75
N GLU B 25 -4.97 -4.59 -14.19
CA GLU B 25 -4.08 -5.09 -13.16
C GLU B 25 -2.75 -5.42 -13.81
N MET B 26 -1.66 -4.86 -13.28
CA MET B 26 -0.35 -4.98 -13.93
C MET B 26 0.67 -5.58 -12.98
N TYR B 27 1.14 -6.79 -13.32
CA TYR B 27 2.26 -7.42 -12.61
C TYR B 27 3.61 -6.83 -12.99
N ALA B 28 3.70 -6.20 -14.16
CA ALA B 28 4.87 -5.42 -14.54
C ALA B 28 4.39 -4.34 -15.48
N PHE B 29 5.18 -3.28 -15.60
CA PHE B 29 4.80 -2.20 -16.50
C PHE B 29 6.03 -1.41 -16.88
N THR B 30 5.84 -0.60 -17.92
CA THR B 30 6.78 0.44 -18.32
C THR B 30 5.98 1.71 -18.54
N VAL B 31 6.46 2.82 -18.00
CA VAL B 31 5.90 4.14 -18.29
C VAL B 31 7.01 4.98 -18.90
N CYS B 32 6.71 5.66 -20.00
CA CYS B 32 7.67 6.54 -20.66
C CYS B 32 7.00 7.85 -21.06
N MET B 33 7.81 8.90 -21.17
CA MET B 33 7.33 10.17 -21.70
C MET B 33 8.52 11.04 -22.08
N TRP B 34 8.25 12.02 -22.95
CA TRP B 34 9.11 13.16 -23.17
C TRP B 34 8.64 14.28 -22.27
N LEU B 35 9.59 14.98 -21.64
CA LEU B 35 9.21 16.11 -20.82
C LEU B 35 10.30 17.19 -20.87
N LYS B 36 9.88 18.41 -20.56
CA LYS B 36 10.76 19.57 -20.58
C LYS B 36 10.27 20.52 -19.51
N SER B 37 11.18 21.04 -18.70
CA SER B 37 10.77 21.94 -17.63
C SER B 37 11.97 22.74 -17.16
N SER B 38 11.73 24.02 -16.84
CA SER B 38 12.71 24.86 -16.17
C SER B 38 12.37 25.08 -14.70
N ALA B 39 11.35 24.41 -14.19
CA ALA B 39 10.90 24.65 -12.83
C ALA B 39 11.93 24.15 -11.83
N THR B 40 12.14 24.92 -10.77
CA THR B 40 13.02 24.55 -9.68
C THR B 40 12.30 24.82 -8.37
N PRO B 41 12.61 24.08 -7.30
CA PRO B 41 13.58 22.97 -7.24
C PRO B 41 13.14 21.67 -7.91
N GLY B 42 11.83 21.48 -8.11
CA GLY B 42 11.33 20.27 -8.72
C GLY B 42 10.27 20.58 -9.76
N VAL B 43 10.10 19.64 -10.68
CA VAL B 43 9.15 19.85 -11.77
C VAL B 43 7.71 19.56 -11.35
N GLY B 44 7.51 18.93 -10.20
CA GLY B 44 6.16 18.55 -9.82
C GLY B 44 5.80 17.15 -10.25
N THR B 45 4.55 16.93 -10.61
CA THR B 45 4.01 15.57 -10.78
C THR B 45 3.59 15.35 -12.23
N PRO B 46 4.43 14.74 -13.06
CA PRO B 46 3.98 14.49 -14.45
C PRO B 46 2.73 13.64 -14.54
N PHE B 47 2.59 12.64 -13.67
CA PHE B 47 1.36 11.85 -13.69
C PHE B 47 1.16 11.21 -12.33
N SER B 48 -0.10 10.88 -12.06
CA SER B 48 -0.44 10.12 -10.87
C SER B 48 -1.64 9.23 -11.18
N TYR B 49 -1.74 8.14 -10.44
CA TYR B 49 -2.78 7.14 -10.62
C TYR B 49 -3.27 6.74 -9.25
N ALA B 50 -4.57 6.90 -9.02
CA ALA B 50 -5.21 6.64 -7.74
C ALA B 50 -6.27 5.57 -7.93
N VAL B 51 -6.38 4.68 -6.95
CA VAL B 51 -7.44 3.67 -6.92
C VAL B 51 -8.18 3.84 -5.60
N PRO B 52 -9.38 3.29 -5.48
CA PRO B 52 -10.07 3.35 -4.19
C PRO B 52 -9.20 2.77 -3.08
N GLY B 53 -8.97 3.56 -2.05
CA GLY B 53 -8.18 3.13 -0.93
C GLY B 53 -6.70 3.42 -1.07
N GLN B 54 -6.25 3.90 -2.22
CA GLN B 54 -4.83 4.25 -2.37
C GLN B 54 -4.70 5.31 -3.46
N ALA B 55 -4.64 6.56 -3.06
CA ALA B 55 -4.49 7.63 -4.03
C ALA B 55 -3.09 7.70 -4.61
N ASN B 56 -2.11 7.03 -3.99
CA ASN B 56 -0.74 6.99 -4.48
C ASN B 56 -0.42 5.63 -5.07
N GLU B 57 -1.30 5.11 -5.92
CA GLU B 57 -1.08 3.76 -6.42
C GLU B 57 0.11 3.72 -7.38
N LEU B 58 0.22 4.71 -8.26
CA LEU B 58 1.40 4.85 -9.13
C LEU B 58 1.60 6.34 -9.36
N VAL B 59 2.75 6.88 -8.97
CA VAL B 59 3.00 8.33 -8.98
C VAL B 59 4.42 8.59 -9.42
N LEU B 60 4.61 9.61 -10.24
CA LEU B 60 5.94 10.14 -10.55
C LEU B 60 5.98 11.60 -10.08
N ILE B 61 6.89 11.92 -9.17
CA ILE B 61 6.85 13.25 -8.54
C ILE B 61 8.25 13.73 -8.18
N GLU B 62 8.50 15.00 -8.47
CA GLU B 62 9.71 15.69 -8.04
C GLU B 62 9.23 16.92 -7.28
N TRP B 63 9.23 16.84 -5.96
CA TRP B 63 8.56 17.81 -5.11
C TRP B 63 9.55 18.28 -4.06
N GLY B 64 9.80 19.59 -4.05
CA GLY B 64 10.72 20.15 -3.09
C GLY B 64 12.15 19.78 -3.41
N ASN B 65 12.97 19.81 -2.36
CA ASN B 65 14.39 19.49 -2.48
C ASN B 65 14.57 17.99 -2.25
N ASN B 66 14.06 17.23 -3.21
CA ASN B 66 14.13 15.78 -3.22
C ASN B 66 14.29 15.36 -4.68
N PRO B 67 14.98 14.26 -4.94
CA PRO B 67 15.06 13.77 -6.31
C PRO B 67 13.68 13.38 -6.78
N MET B 68 13.55 13.18 -8.09
CA MET B 68 12.33 12.59 -8.61
C MET B 68 12.18 11.20 -7.98
N GLU B 69 10.95 10.89 -7.61
CA GLU B 69 10.59 9.63 -7.00
C GLU B 69 9.49 8.98 -7.80
N ILE B 70 9.50 7.66 -7.81
CA ILE B 70 8.32 6.91 -8.22
C ILE B 70 7.71 6.33 -6.97
N LEU B 71 6.38 6.45 -6.86
CA LEU B 71 5.64 5.79 -5.77
C LEU B 71 4.80 4.69 -6.39
N ILE B 72 4.84 3.51 -5.77
CA ILE B 72 3.93 2.42 -6.07
C ILE B 72 3.30 1.98 -4.76
N ASN B 73 1.98 1.99 -4.69
CA ASN B 73 1.28 1.65 -3.46
C ASN B 73 1.82 2.44 -2.28
N ASP B 74 2.10 3.72 -2.52
CA ASP B 74 2.60 4.64 -1.50
C ASP B 74 3.96 4.23 -0.95
N LYS B 75 4.73 3.48 -1.73
CA LYS B 75 6.11 3.14 -1.40
C LYS B 75 7.03 3.87 -2.37
N VAL B 76 8.17 4.33 -1.87
CA VAL B 76 9.01 5.29 -2.58
C VAL B 76 10.26 4.60 -3.10
N ALA B 77 10.65 4.95 -4.33
CA ALA B 77 12.02 4.75 -4.81
C ALA B 77 12.51 6.06 -5.42
N LYS B 78 13.72 6.46 -5.05
CA LYS B 78 14.35 7.65 -5.60
C LYS B 78 15.02 7.30 -6.94
N LEU B 79 14.80 8.14 -7.94
CA LEU B 79 15.24 7.91 -9.30
C LEU B 79 16.45 8.79 -9.61
N PRO B 80 17.29 8.39 -10.59
CA PRO B 80 18.50 9.15 -10.90
C PRO B 80 18.30 10.32 -11.85
N PHE B 81 17.06 10.58 -12.26
CA PHE B 81 16.81 11.53 -13.33
C PHE B 81 17.18 12.96 -12.92
N VAL B 82 17.78 13.67 -13.86
CA VAL B 82 18.00 15.11 -13.75
C VAL B 82 17.46 15.69 -15.05
N ILE B 83 16.25 16.24 -15.02
CA ILE B 83 15.55 16.56 -16.28
C ILE B 83 14.99 17.98 -16.34
N ASN B 84 15.29 18.82 -15.35
CA ASN B 84 14.71 20.16 -15.32
C ASN B 84 15.72 21.24 -15.72
N ASP B 85 16.36 21.04 -16.88
CA ASP B 85 17.34 21.97 -17.40
C ASP B 85 16.82 22.79 -18.56
N GLY B 86 15.52 22.74 -18.84
CA GLY B 86 14.94 23.48 -19.94
C GLY B 86 15.11 22.83 -21.29
N LYS B 87 15.57 21.58 -21.34
CA LYS B 87 15.72 20.84 -22.58
C LYS B 87 14.80 19.63 -22.53
N TRP B 88 14.45 19.13 -23.71
CA TRP B 88 13.62 17.94 -23.79
C TRP B 88 14.43 16.73 -23.36
N HIS B 89 13.81 15.88 -22.53
CA HIS B 89 14.37 14.60 -22.14
C HIS B 89 13.32 13.52 -22.26
N HIS B 90 13.79 12.32 -22.54
CA HIS B 90 12.96 11.13 -22.54
C HIS B 90 13.25 10.33 -21.29
N ILE B 91 12.21 9.87 -20.62
CA ILE B 91 12.38 9.02 -19.45
C ILE B 91 11.46 7.81 -19.54
N CYS B 92 11.96 6.68 -19.02
CA CYS B 92 11.17 5.48 -18.81
C CYS B 92 11.50 4.89 -17.45
N VAL B 93 10.50 4.30 -16.82
CA VAL B 93 10.72 3.43 -15.68
C VAL B 93 10.07 2.10 -16.00
N THR B 94 10.82 1.00 -15.86
CA THR B 94 10.28 -0.35 -15.95
C THR B 94 10.24 -0.96 -14.55
N TRP B 95 9.21 -1.74 -14.24
CA TRP B 95 9.10 -2.32 -12.92
C TRP B 95 8.37 -3.64 -12.98
N THR B 96 8.69 -4.52 -12.04
CA THR B 96 7.97 -5.77 -11.87
C THR B 96 7.69 -6.05 -10.40
N THR B 97 6.49 -6.61 -10.16
CA THR B 97 6.11 -7.17 -8.86
C THR B 97 7.13 -8.16 -8.32
N ARG B 98 7.84 -8.86 -9.21
CA ARG B 98 8.79 -9.88 -8.80
C ARG B 98 9.97 -9.20 -8.12
N ASP B 99 9.95 -9.23 -6.78
CA ASP B 99 10.94 -8.57 -5.92
C ASP B 99 10.93 -7.05 -6.06
N GLY B 100 9.92 -6.47 -6.67
CA GLY B 100 9.84 -5.02 -6.75
C GLY B 100 11.01 -4.39 -7.47
N VAL B 101 11.46 -4.98 -8.57
CA VAL B 101 12.67 -4.56 -9.27
C VAL B 101 12.32 -3.54 -10.34
N TRP B 102 13.05 -2.42 -10.36
CA TRP B 102 12.82 -1.38 -11.35
C TRP B 102 14.14 -0.98 -12.02
N GLU B 103 13.99 -0.45 -13.22
CA GLU B 103 15.07 0.17 -13.97
C GLU B 103 14.61 1.54 -14.43
N ALA B 104 15.55 2.48 -14.48
CA ALA B 104 15.29 3.85 -14.90
C ALA B 104 16.17 4.22 -16.09
N TYR B 105 15.54 4.79 -17.12
CA TYR B 105 16.21 5.16 -18.36
C TYR B 105 16.02 6.65 -18.60
N GLN B 106 17.10 7.38 -18.84
CA GLN B 106 17.03 8.77 -19.25
C GLN B 106 17.69 8.91 -20.61
N ASP B 107 16.97 9.54 -21.55
CA ASP B 107 17.47 9.80 -22.90
C ASP B 107 18.01 8.53 -23.54
N GLY B 108 17.31 7.41 -23.32
CA GLY B 108 17.64 6.17 -23.98
C GLY B 108 18.71 5.35 -23.30
N THR B 109 19.16 5.76 -22.12
CA THR B 109 20.26 5.11 -21.41
C THR B 109 19.80 4.67 -20.03
N GLN B 110 19.94 3.39 -19.74
CA GLN B 110 19.63 2.90 -18.40
C GLN B 110 20.66 3.46 -17.44
N GLY B 111 20.18 4.14 -16.40
CA GLY B 111 21.05 4.89 -15.50
C GLY B 111 20.77 4.68 -14.03
N GLY B 112 19.86 3.76 -13.71
CA GLY B 112 19.57 3.43 -12.33
C GLY B 112 18.74 2.18 -12.26
N SER B 113 18.83 1.50 -11.11
CA SER B 113 18.01 0.33 -10.86
CA SER B 113 18.02 0.32 -10.86
C SER B 113 17.94 0.10 -9.36
N GLY B 114 16.88 -0.57 -8.94
CA GLY B 114 16.74 -0.92 -7.54
C GLY B 114 15.73 -2.02 -7.37
N GLU B 115 15.53 -2.42 -6.12
CA GLU B 115 14.62 -3.52 -5.81
C GLU B 115 13.83 -3.18 -4.55
N ASN B 116 12.88 -4.06 -4.22
CA ASN B 116 12.08 -3.95 -3.01
C ASN B 116 11.15 -2.75 -3.06
N LEU B 117 10.73 -2.35 -4.25
CA LEU B 117 9.72 -1.31 -4.42
C LEU B 117 8.37 -1.99 -4.58
N ALA B 118 7.52 -1.90 -3.54
CA ALA B 118 6.20 -2.53 -3.53
C ALA B 118 6.25 -3.95 -4.05
N PRO B 119 7.14 -4.81 -3.53
CA PRO B 119 7.20 -6.18 -4.02
C PRO B 119 5.86 -6.87 -3.82
N TYR B 120 5.51 -7.70 -4.81
CA TYR B 120 4.36 -8.59 -4.74
C TYR B 120 3.03 -7.85 -4.81
N HIS B 121 3.03 -6.59 -5.21
CA HIS B 121 1.81 -5.78 -5.30
C HIS B 121 1.55 -5.43 -6.75
N PRO B 122 0.70 -6.17 -7.48
CA PRO B 122 0.33 -5.74 -8.82
C PRO B 122 -0.35 -4.37 -8.76
N ILE B 123 -0.10 -3.54 -9.79
CA ILE B 123 -0.82 -2.27 -9.89
C ILE B 123 -2.31 -2.58 -9.98
N LYS B 124 -3.11 -1.97 -9.08
CA LYS B 124 -4.52 -2.28 -9.07
C LYS B 124 -5.24 -1.60 -10.23
N PRO B 125 -6.29 -2.23 -10.75
CA PRO B 125 -6.96 -1.74 -11.95
C PRO B 125 -8.04 -0.71 -11.62
N GLN B 126 -8.52 -0.07 -12.70
CA GLN B 126 -9.76 0.71 -12.70
C GLN B 126 -9.65 2.04 -11.96
N GLY B 127 -8.45 2.53 -11.67
CA GLY B 127 -8.28 3.83 -11.04
C GLY B 127 -8.35 5.00 -11.99
N VAL B 128 -8.01 6.17 -11.48
CA VAL B 128 -8.04 7.42 -12.25
C VAL B 128 -6.60 7.84 -12.51
N LEU B 129 -6.27 8.00 -13.78
CA LEU B 129 -4.93 8.37 -14.24
C LEU B 129 -4.99 9.82 -14.70
N VAL B 130 -4.22 10.69 -14.07
CA VAL B 130 -4.18 12.09 -14.47
C VAL B 130 -2.75 12.48 -14.82
N LEU B 131 -2.63 13.47 -15.70
CA LEU B 131 -1.35 14.09 -16.03
C LEU B 131 -1.32 15.49 -15.43
N GLY B 132 -0.23 15.79 -14.72
CA GLY B 132 0.06 17.14 -14.28
C GLY B 132 -0.28 17.45 -12.84
N GLN B 133 -0.89 16.52 -12.11
CA GLN B 133 -1.28 16.74 -10.73
C GLN B 133 -1.06 15.46 -9.93
N GLU B 134 -0.89 15.63 -8.61
CA GLU B 134 -0.78 14.53 -7.66
C GLU B 134 -2.13 14.40 -6.94
N GLN B 135 -2.62 13.16 -6.82
CA GLN B 135 -3.93 12.93 -6.23
C GLN B 135 -3.85 12.58 -4.75
N ASP B 136 -4.73 13.19 -3.96
CA ASP B 136 -4.94 12.80 -2.58
C ASP B 136 -6.33 12.22 -2.35
N THR B 137 -7.22 12.31 -3.34
CA THR B 137 -8.47 11.58 -3.35
C THR B 137 -8.59 10.93 -4.72
N LEU B 138 -9.60 10.09 -4.89
CA LEU B 138 -9.79 9.39 -6.15
C LEU B 138 -10.22 10.41 -7.20
N GLY B 139 -9.29 10.76 -8.10
CA GLY B 139 -9.57 11.73 -9.14
C GLY B 139 -9.46 13.18 -8.73
N GLY B 140 -8.91 13.48 -7.56
CA GLY B 140 -8.81 14.86 -7.14
C GLY B 140 -7.91 15.06 -5.94
N GLY B 141 -8.23 16.04 -5.11
CA GLY B 141 -7.39 16.38 -3.99
C GLY B 141 -6.03 16.91 -4.40
N PHE B 142 -6.00 17.77 -5.42
CA PHE B 142 -4.75 18.25 -5.98
C PHE B 142 -4.10 19.30 -5.07
N ASP B 143 -2.78 19.42 -5.18
CA ASP B 143 -1.97 20.34 -4.38
C ASP B 143 -1.08 21.14 -5.35
N ALA B 144 -1.30 22.45 -5.41
CA ALA B 144 -0.59 23.27 -6.39
C ALA B 144 0.93 23.18 -6.20
N THR B 145 1.43 22.99 -4.98
CA THR B 145 2.88 22.91 -4.80
C THR B 145 3.46 21.66 -5.43
N GLN B 146 2.63 20.66 -5.70
CA GLN B 146 3.05 19.42 -6.34
C GLN B 146 2.72 19.37 -7.83
N ALA B 147 2.05 20.39 -8.36
CA ALA B 147 1.62 20.36 -9.75
C ALA B 147 2.82 20.40 -10.69
N PHE B 148 2.68 19.69 -11.81
CA PHE B 148 3.69 19.74 -12.85
C PHE B 148 3.69 21.12 -13.51
N VAL B 149 4.90 21.64 -13.72
CA VAL B 149 5.11 22.83 -14.53
C VAL B 149 6.11 22.45 -15.62
N GLY B 150 5.68 22.56 -16.86
CA GLY B 150 6.53 22.18 -17.98
C GLY B 150 5.69 21.64 -19.12
N GLU B 151 6.36 20.86 -19.97
CA GLU B 151 5.80 20.35 -21.20
C GLU B 151 5.92 18.82 -21.20
N LEU B 152 4.92 18.15 -21.73
CA LEU B 152 4.82 16.70 -21.68
C LEU B 152 4.37 16.19 -23.03
N ALA B 153 4.97 15.10 -23.51
CA ALA B 153 4.54 14.52 -24.78
C ALA B 153 4.83 13.03 -24.77
N HIS B 154 4.11 12.30 -25.61
CA HIS B 154 4.36 10.88 -25.84
C HIS B 154 4.37 10.07 -24.55
N PHE B 155 3.35 10.31 -23.73
CA PHE B 155 3.11 9.53 -22.53
C PHE B 155 2.53 8.17 -22.93
N ASN B 156 3.19 7.10 -22.52
CA ASN B 156 2.82 5.74 -22.91
C ASN B 156 3.01 4.82 -21.73
N ILE B 157 2.11 3.84 -21.59
CA ILE B 157 2.24 2.77 -20.61
C ILE B 157 2.05 1.43 -21.28
N TRP B 158 2.91 0.48 -20.94
CA TRP B 158 2.81 -0.91 -21.34
C TRP B 158 2.68 -1.77 -20.08
N ASP B 159 1.99 -2.90 -20.20
CA ASP B 159 1.93 -3.84 -19.07
C ASP B 159 3.01 -4.90 -19.13
N ARG B 160 4.21 -4.50 -19.51
CA ARG B 160 5.36 -5.38 -19.47
C ARG B 160 6.59 -4.49 -19.36
N LYS B 161 7.73 -5.11 -19.09
CA LYS B 161 9.00 -4.43 -19.22
C LYS B 161 9.40 -4.33 -20.69
N LEU B 162 9.71 -3.12 -21.12
CA LEU B 162 10.37 -2.94 -22.40
C LEU B 162 11.84 -3.33 -22.28
N THR B 163 12.42 -3.72 -23.40
CA THR B 163 13.84 -4.01 -23.43
C THR B 163 14.64 -2.73 -23.60
N PRO B 164 15.93 -2.76 -23.27
CA PRO B 164 16.77 -1.58 -23.54
C PRO B 164 16.72 -1.11 -24.98
N GLY B 165 16.66 -2.04 -25.95
CA GLY B 165 16.56 -1.64 -27.34
C GLY B 165 15.26 -0.94 -27.66
N GLU B 166 14.16 -1.39 -27.06
CA GLU B 166 12.88 -0.73 -27.29
C GLU B 166 12.90 0.67 -26.69
N VAL B 167 13.51 0.83 -25.52
CA VAL B 167 13.64 2.17 -24.94
C VAL B 167 14.51 3.05 -25.82
N TYR B 168 15.62 2.49 -26.31
CA TYR B 168 16.49 3.23 -27.22
C TYR B 168 15.70 3.74 -28.43
N ASN B 169 14.84 2.89 -28.99
CA ASN B 169 14.07 3.30 -30.16
C ASN B 169 13.11 4.44 -29.83
N LEU B 170 12.52 4.42 -28.63
CA LEU B 170 11.67 5.54 -28.22
C LEU B 170 12.48 6.82 -28.08
N ALA B 171 13.65 6.74 -27.43
CA ALA B 171 14.39 7.94 -27.10
C ALA B 171 15.05 8.55 -28.31
N THR B 172 15.22 7.78 -29.39
CA THR B 172 15.79 8.28 -30.63
C THR B 172 14.73 8.49 -31.71
N CYS B 173 13.46 8.35 -31.35
CA CYS B 173 12.34 8.58 -32.26
C CYS B 173 12.44 7.70 -33.51
N SER B 174 12.90 6.47 -33.34
CA SER B 174 12.90 5.53 -34.45
C SER B 174 11.47 5.25 -34.91
N THR B 175 11.30 5.05 -36.22
CA THR B 175 10.01 4.60 -36.71
C THR B 175 9.67 3.22 -36.15
N LYS B 176 10.64 2.48 -35.62
CA LYS B 176 10.39 1.21 -34.95
C LYS B 176 9.84 1.39 -33.54
N ALA B 177 9.78 2.62 -33.04
CA ALA B 177 9.34 2.85 -31.66
C ALA B 177 7.90 2.38 -31.51
N LEU B 178 7.63 1.80 -30.35
CA LEU B 178 6.31 1.27 -30.00
C LEU B 178 5.45 2.36 -29.37
N SER B 179 4.15 2.20 -29.48
CA SER B 179 3.19 2.93 -28.67
C SER B 179 2.71 2.02 -27.56
N GLY B 180 2.31 2.63 -26.44
CA GLY B 180 1.88 1.84 -25.29
C GLY B 180 0.69 0.96 -25.64
N ASN B 181 0.74 -0.30 -25.20
CA ASN B 181 -0.41 -1.18 -25.39
C ASN B 181 -1.51 -0.94 -24.36
N VAL B 182 -1.20 -0.26 -23.25
CA VAL B 182 -2.21 0.09 -22.25
C VAL B 182 -2.64 1.54 -22.45
N ILE B 183 -1.70 2.47 -22.34
CA ILE B 183 -1.96 3.89 -22.62
C ILE B 183 -1.07 4.31 -23.76
N ALA B 184 -1.66 4.92 -24.78
CA ALA B 184 -0.94 5.45 -25.93
C ALA B 184 -1.27 6.92 -26.09
N TRP B 185 -0.33 7.66 -26.69
CA TRP B 185 -0.42 9.11 -26.74
C TRP B 185 -1.21 9.53 -27.97
N ALA B 186 -2.38 10.11 -27.74
CA ALA B 186 -3.22 10.63 -28.81
C ALA B 186 -4.17 11.66 -28.23
N GLU B 187 -4.48 12.68 -29.03
CA GLU B 187 -5.30 13.77 -28.52
C GLU B 187 -6.65 13.27 -28.02
N SER B 188 -7.22 12.28 -28.70
CA SER B 188 -8.55 11.78 -28.33
C SER B 188 -8.50 10.86 -27.12
N HIS B 189 -7.31 10.54 -26.61
CA HIS B 189 -7.17 9.66 -25.46
C HIS B 189 -7.16 10.40 -24.14
N ILE B 190 -7.22 11.74 -24.16
CA ILE B 190 -7.14 12.54 -22.95
C ILE B 190 -8.24 13.61 -22.97
N GLU B 191 -8.58 14.08 -21.78
CA GLU B 191 -9.47 15.22 -21.60
C GLU B 191 -8.71 16.30 -20.83
N ILE B 192 -8.65 17.51 -21.37
CA ILE B 192 -7.88 18.59 -20.77
C ILE B 192 -8.80 19.50 -19.96
N TYR B 193 -8.40 19.77 -18.73
CA TYR B 193 -9.14 20.63 -17.83
C TYR B 193 -8.25 21.77 -17.35
N GLY B 194 -8.87 22.93 -17.15
CA GLY B 194 -8.18 24.03 -16.53
C GLY B 194 -7.27 24.82 -17.44
N GLY B 195 -7.32 24.58 -18.75
CA GLY B 195 -6.58 25.42 -19.68
C GLY B 195 -5.12 25.11 -19.86
N ALA B 196 -4.67 23.89 -19.59
CA ALA B 196 -3.41 23.46 -20.17
C ALA B 196 -3.55 23.54 -21.68
N THR B 197 -2.44 23.85 -22.36
CA THR B 197 -2.48 24.12 -23.79
C THR B 197 -1.81 23.00 -24.57
N LYS B 198 -2.26 22.81 -25.81
CA LYS B 198 -1.75 21.80 -26.71
C LYS B 198 -1.04 22.45 -27.89
N TRP B 199 0.04 21.83 -28.33
CA TRP B 199 0.86 22.35 -29.43
C TRP B 199 1.39 21.17 -30.22
N THR B 200 1.68 21.41 -31.50
CA THR B 200 2.39 20.39 -32.27
C THR B 200 3.74 20.10 -31.62
N PHE B 201 4.24 18.91 -31.84
CA PHE B 201 5.53 18.51 -31.28
C PHE B 201 6.11 17.44 -32.18
N GLU B 202 7.35 17.64 -32.62
CA GLU B 202 8.08 16.67 -33.44
C GLU B 202 9.26 16.18 -32.61
N ALA B 203 9.12 15.01 -31.99
CA ALA B 203 10.15 14.53 -31.09
C ALA B 203 11.45 14.32 -31.85
N CYS B 204 12.56 14.55 -31.14
CA CYS B 204 13.91 14.46 -31.68
C CYS B 204 14.18 15.56 -32.70
N ARG B 205 13.51 16.69 -32.55
CA ARG B 205 13.71 17.85 -33.41
C ARG B 205 13.50 17.49 -34.87
CA CA C . -0.70 -11.63 1.59
CA CA D . 3.08 -12.18 2.03
AS CAC E . 1.60 -8.98 0.80
O1 CAC E . 2.82 -10.16 1.21
O2 CAC E . 0.07 -9.75 0.48
C1 CAC E . 1.28 -7.82 2.36
C2 CAC E . 2.19 -7.90 -0.73
CA CA F . -1.27 11.74 -2.84
CA CA G . -0.76 15.52 -2.46
AS CAC H . 1.63 13.02 -1.04
O1 CAC H . 0.41 11.80 -1.24
O2 CAC H . 0.87 14.57 -1.12
C1 CAC H . 2.51 12.83 0.69
C2 CAC H . 2.93 12.76 -2.51
#